data_2WP0
#
_entry.id   2WP0
#
_cell.length_a   126.560
_cell.length_b   55.500
_cell.length_c   96.830
_cell.angle_alpha   90.00
_cell.angle_beta   97.55
_cell.angle_gamma   90.00
#
_symmetry.space_group_name_H-M   'C 1 2 1'
#
loop_
_entity.id
_entity.type
_entity.pdbx_description
1 polymer HOBA
2 polymer 'CHROMOSOMAL REPLICATION INITIATOR PROTEIN DNAA'
3 non-polymer 'CHLORIDE ION'
4 non-polymer GLYCEROL
5 non-polymer 'SODIUM ION'
6 non-polymer 'ACETATE ION'
7 water water
#
loop_
_entity_poly.entity_id
_entity_poly.type
_entity_poly.pdbx_seq_one_letter_code
_entity_poly.pdbx_strand_id
1 'polypeptide(L)'
;MKNFYDWIKEFIRDQGEFIAQQSGWLELERSSYAKLIAQTISHVLNGGSLLVSADSSRHWFLNYILSNLNPKDLKERPLL
SVIDFNASSFYPKNDANLSLATIEMTYQNPMFWHVGKIENEGLKTILLSKIPSFLWLFEELKEDCLLLKEHDSLLDYKLL
QLFKLFENALFSVLYNKVTL
;
A,B
2 'polypeptide(L)'
;MDTNNNIEKEILALVKQNPKVSLIEYENYFSQLKYNPNASKSDIAFFYAPNQVLCTTITAKYGALLKEILSQNKVGMHLA
HSVDVRIEVAPKIQINAQSNINYKAIKTSVKD
;
C,D
#
# COMPACT_ATOMS: atom_id res chain seq x y z
N MET A 1 -12.54 -18.01 22.99
CA MET A 1 -12.58 -19.18 23.88
C MET A 1 -11.95 -20.44 23.29
N LYS A 2 -11.17 -20.21 22.24
CA LYS A 2 -10.21 -21.15 21.70
C LYS A 2 -8.87 -20.48 21.94
N ASN A 3 -7.83 -21.27 22.16
CA ASN A 3 -6.52 -20.70 22.47
C ASN A 3 -5.98 -19.91 21.28
N PHE A 4 -5.39 -18.77 21.58
CA PHE A 4 -4.80 -17.90 20.57
C PHE A 4 -3.76 -18.62 19.71
N TYR A 5 -2.93 -19.45 20.36
CA TYR A 5 -1.81 -20.08 19.68
C TYR A 5 -2.24 -21.18 18.74
N ASP A 6 -3.28 -21.90 19.13
CA ASP A 6 -3.92 -22.83 18.23
C ASP A 6 -4.72 -22.04 17.21
N TRP A 7 -5.38 -20.97 17.65
CA TRP A 7 -6.13 -20.15 16.71
C TRP A 7 -5.23 -19.67 15.58
N ILE A 8 -4.18 -18.95 15.94
CA ILE A 8 -3.31 -18.34 14.94
C ILE A 8 -2.80 -19.38 13.95
N LYS A 9 -2.44 -20.57 14.43
CA LYS A 9 -2.07 -21.69 13.56
C LYS A 9 -3.13 -22.03 12.50
N GLU A 10 -4.33 -22.40 12.93
CA GLU A 10 -5.39 -22.66 11.96
C GLU A 10 -5.46 -21.51 10.97
N PHE A 11 -5.60 -20.30 11.52
CA PHE A 11 -5.79 -19.11 10.70
C PHE A 11 -4.72 -18.97 9.64
N ILE A 12 -3.48 -19.16 10.04
CA ILE A 12 -2.37 -19.03 9.08
C ILE A 12 -2.53 -19.94 7.88
N ARG A 13 -3.00 -21.17 8.09
CA ARG A 13 -3.17 -22.15 7.00
C ARG A 13 -4.31 -21.82 6.02
N ASP A 14 -5.48 -21.48 6.53
CA ASP A 14 -6.61 -21.12 5.69
C ASP A 14 -6.17 -19.95 4.83
N GLN A 15 -5.49 -19.01 5.47
CA GLN A 15 -5.08 -17.76 4.83
C GLN A 15 -4.29 -18.05 3.57
N GLY A 16 -3.22 -18.83 3.75
CA GLY A 16 -2.29 -19.17 2.69
C GLY A 16 -2.96 -20.02 1.63
N GLU A 17 -3.78 -20.97 2.08
CA GLU A 17 -4.53 -21.81 1.18
C GLU A 17 -5.47 -21.03 0.30
N PHE A 18 -6.32 -20.22 0.94
CA PHE A 18 -7.26 -19.36 0.23
C PHE A 18 -6.56 -18.56 -0.83
N ILE A 19 -5.36 -18.09 -0.50
CA ILE A 19 -4.55 -17.37 -1.45
C ILE A 19 -4.15 -18.21 -2.67
N ALA A 20 -3.60 -19.39 -2.40
CA ALA A 20 -3.22 -20.31 -3.46
C ALA A 20 -4.46 -20.62 -4.29
N GLN A 21 -5.54 -20.88 -3.57
CA GLN A 21 -6.78 -21.26 -4.20
C GLN A 21 -7.20 -20.24 -5.24
N GLN A 22 -7.06 -18.96 -4.91
CA GLN A 22 -7.50 -17.89 -5.80
C GLN A 22 -6.45 -17.42 -6.79
N SER A 23 -5.25 -17.97 -6.65
CA SER A 23 -4.11 -17.53 -7.42
C SER A 23 -4.42 -17.33 -8.91
N GLY A 24 -5.32 -18.12 -9.45
CA GLY A 24 -5.52 -18.14 -10.90
C GLY A 24 -6.46 -17.07 -11.36
N TRP A 25 -7.13 -16.46 -10.41
CA TRP A 25 -8.24 -15.56 -10.68
C TRP A 25 -8.05 -14.78 -11.97
N LEU A 26 -6.89 -14.14 -12.12
CA LEU A 26 -6.69 -13.19 -13.21
C LEU A 26 -6.68 -13.86 -14.58
N GLU A 27 -6.01 -15.00 -14.65
CA GLU A 27 -5.95 -15.75 -15.88
C GLU A 27 -7.30 -16.36 -16.10
N LEU A 28 -7.95 -16.69 -15.00
CA LEU A 28 -9.28 -17.27 -15.08
C LEU A 28 -10.32 -16.15 -15.24
N GLU A 29 -10.07 -15.26 -16.20
CA GLU A 29 -11.05 -14.24 -16.54
C GLU A 29 -10.52 -13.26 -17.56
N ARG A 30 -9.26 -13.44 -17.90
CA ARG A 30 -8.54 -12.55 -18.85
C ARG A 30 -9.44 -11.73 -19.76
N SER A 31 -10.11 -10.72 -19.18
CA SER A 31 -10.97 -9.81 -19.93
C SER A 31 -10.12 -9.00 -20.89
N SER A 32 -10.65 -7.86 -21.34
CA SER A 32 -9.89 -6.99 -22.23
C SER A 32 -8.77 -6.29 -21.47
N TYR A 33 -8.41 -6.83 -20.31
CA TYR A 33 -7.37 -6.21 -19.52
C TYR A 33 -6.11 -6.00 -20.36
N ALA A 34 -5.89 -6.85 -21.36
CA ALA A 34 -4.63 -6.81 -22.09
C ALA A 34 -4.55 -5.57 -22.97
N LYS A 35 -5.65 -5.27 -23.65
CA LYS A 35 -5.69 -4.16 -24.58
C LYS A 35 -5.57 -2.81 -23.87
N LEU A 36 -6.15 -2.72 -22.68
CA LEU A 36 -6.02 -1.51 -21.87
C LEU A 36 -4.56 -1.22 -21.59
N ILE A 37 -3.88 -2.23 -21.07
CA ILE A 37 -2.45 -2.19 -20.84
C ILE A 37 -1.74 -1.81 -22.12
N ALA A 38 -2.06 -2.52 -23.20
CA ALA A 38 -1.53 -2.17 -24.50
C ALA A 38 -1.65 -0.67 -24.74
N GLN A 39 -2.88 -0.16 -24.78
CA GLN A 39 -3.08 1.25 -25.08
C GLN A 39 -2.37 2.17 -24.09
N THR A 40 -2.53 1.90 -22.80
CA THR A 40 -1.84 2.68 -21.78
C THR A 40 -0.34 2.68 -22.03
N ILE A 41 0.18 1.50 -22.35
CA ILE A 41 1.60 1.40 -22.62
C ILE A 41 1.95 2.30 -23.81
N SER A 42 1.25 2.10 -24.93
CA SER A 42 1.44 2.97 -26.08
C SER A 42 1.41 4.43 -25.67
N HIS A 43 0.39 4.78 -24.88
CA HIS A 43 0.23 6.14 -24.38
C HIS A 43 1.52 6.61 -23.78
N VAL A 44 1.94 5.94 -22.72
CA VAL A 44 3.19 6.25 -22.03
C VAL A 44 4.45 6.28 -22.93
N LEU A 45 4.62 5.29 -23.80
CA LEU A 45 5.78 5.23 -24.69
C LEU A 45 5.75 6.36 -25.71
N ASN A 46 4.60 7.00 -25.86
CA ASN A 46 4.49 8.13 -26.77
C ASN A 46 4.77 9.45 -26.05
N GLY A 47 5.12 9.34 -24.78
CA GLY A 47 5.50 10.50 -23.99
C GLY A 47 4.39 11.03 -23.11
N GLY A 48 3.16 10.56 -23.34
CA GLY A 48 2.02 11.00 -22.53
C GLY A 48 2.28 10.87 -21.04
N SER A 49 1.41 11.43 -20.22
CA SER A 49 1.61 11.41 -18.78
C SER A 49 0.48 10.67 -18.06
N LEU A 50 0.72 10.33 -16.80
CA LEU A 50 -0.22 9.50 -16.05
C LEU A 50 -0.62 10.18 -14.76
N LEU A 51 -1.85 10.71 -14.75
CA LEU A 51 -2.40 11.42 -13.62
C LEU A 51 -3.15 10.40 -12.78
N VAL A 52 -2.56 10.01 -11.67
CA VAL A 52 -3.08 8.93 -10.83
C VAL A 52 -3.98 9.43 -9.70
N SER A 53 -5.18 8.86 -9.62
CA SER A 53 -6.06 9.17 -8.52
C SER A 53 -6.59 7.86 -7.90
N ALA A 54 -7.09 7.96 -6.66
CA ALA A 54 -7.59 6.78 -5.94
C ALA A 54 -8.69 7.13 -4.91
N ASP A 55 -9.63 6.22 -4.72
CA ASP A 55 -10.62 6.46 -3.70
C ASP A 55 -9.93 6.47 -2.33
N SER A 56 -10.60 7.06 -1.34
CA SER A 56 -10.01 7.28 -0.03
C SER A 56 -9.64 6.00 0.74
N SER A 57 -9.99 4.83 0.19
CA SER A 57 -9.62 3.56 0.82
C SER A 57 -8.34 3.03 0.21
N ARG A 58 -7.99 3.59 -0.94
CA ARG A 58 -6.82 3.17 -1.68
C ARG A 58 -5.73 4.26 -1.81
N HIS A 59 -5.42 5.00 -0.74
CA HIS A 59 -4.33 5.99 -0.84
C HIS A 59 -3.01 5.25 -0.92
N TRP A 60 -2.91 4.26 -0.03
CA TRP A 60 -1.79 3.35 0.05
C TRP A 60 -1.40 2.78 -1.32
N PHE A 61 -2.39 2.61 -2.20
CA PHE A 61 -2.13 2.07 -3.53
C PHE A 61 -1.68 3.13 -4.54
N LEU A 62 -2.23 4.32 -4.45
CA LEU A 62 -1.70 5.46 -5.16
C LEU A 62 -0.21 5.63 -4.79
N ASN A 63 0.07 5.67 -3.49
CA ASN A 63 1.44 5.74 -2.99
C ASN A 63 2.30 4.66 -3.63
N TYR A 64 1.84 3.42 -3.54
CA TYR A 64 2.48 2.26 -4.15
C TYR A 64 2.75 2.45 -5.64
N ILE A 65 1.78 3.00 -6.35
CA ILE A 65 1.96 3.20 -7.76
C ILE A 65 3.11 4.17 -7.95
N LEU A 66 3.05 5.29 -7.25
CA LEU A 66 4.02 6.35 -7.44
C LEU A 66 5.47 5.93 -7.15
N SER A 67 5.68 5.19 -6.06
CA SER A 67 7.02 4.81 -5.68
C SER A 67 7.51 3.58 -6.45
N ASN A 68 6.62 2.79 -7.02
CA ASN A 68 7.09 1.65 -7.80
C ASN A 68 7.41 1.97 -9.26
N LEU A 69 6.68 2.91 -9.84
CA LEU A 69 7.01 3.40 -11.17
C LEU A 69 8.30 4.21 -11.15
N ASN A 70 8.47 5.06 -10.13
CA ASN A 70 9.69 5.86 -9.98
C ASN A 70 10.31 5.64 -8.59
N PRO A 71 11.06 4.55 -8.42
CA PRO A 71 11.68 4.13 -7.16
C PRO A 71 12.81 5.09 -6.75
N LYS A 72 13.14 5.11 -5.46
CA LYS A 72 14.14 6.07 -5.00
C LYS A 72 15.41 5.96 -5.85
N ASP A 73 15.92 4.73 -5.98
CA ASP A 73 17.07 4.46 -6.82
C ASP A 73 16.60 4.01 -8.20
N LEU A 74 16.45 4.97 -9.11
CA LEU A 74 16.04 4.65 -10.47
C LEU A 74 16.94 3.65 -11.19
N LYS A 75 18.21 3.55 -10.79
CA LYS A 75 19.20 2.78 -11.54
C LYS A 75 19.29 3.29 -12.98
N GLU A 76 18.91 2.49 -13.98
CA GLU A 76 19.03 2.97 -15.36
C GLU A 76 17.68 3.14 -16.02
N ARG A 77 16.63 2.95 -15.23
CA ARG A 77 15.24 3.20 -15.65
C ARG A 77 15.00 4.63 -16.11
N PRO A 78 13.94 4.82 -16.91
CA PRO A 78 13.52 6.18 -17.24
C PRO A 78 13.04 6.87 -15.99
N LEU A 79 12.90 8.18 -16.03
CA LEU A 79 12.02 8.85 -15.08
C LEU A 79 10.65 8.87 -15.74
N LEU A 80 9.70 8.14 -15.19
CA LEU A 80 8.41 8.00 -15.86
C LEU A 80 7.47 9.14 -15.51
N SER A 81 6.72 9.63 -16.50
CA SER A 81 5.88 10.82 -16.29
C SER A 81 4.62 10.50 -15.49
N VAL A 82 4.74 10.45 -14.16
CA VAL A 82 3.65 10.00 -13.31
C VAL A 82 3.26 11.13 -12.33
N ILE A 83 1.97 11.41 -12.21
CA ILE A 83 1.53 12.49 -11.37
C ILE A 83 0.53 11.97 -10.34
N ASP A 84 0.77 12.30 -9.08
CA ASP A 84 -0.20 12.13 -8.01
C ASP A 84 -1.29 13.21 -8.14
N PHE A 85 -2.34 12.86 -8.88
CA PHE A 85 -3.39 13.78 -9.26
C PHE A 85 -4.41 13.98 -8.14
N ASN A 86 -4.48 13.02 -7.22
CA ASN A 86 -5.20 13.22 -5.96
C ASN A 86 -4.76 14.48 -5.20
N ALA A 87 -3.44 14.67 -5.08
CA ALA A 87 -2.88 15.75 -4.29
C ALA A 87 -2.75 17.08 -5.08
N SER A 88 -3.11 17.03 -6.36
CA SER A 88 -2.95 18.17 -7.24
C SER A 88 -4.02 19.24 -7.05
N SER A 89 -3.67 20.44 -7.46
CA SER A 89 -4.58 21.58 -7.42
C SER A 89 -5.73 21.44 -8.41
N PHE A 90 -5.53 20.62 -9.45
CA PHE A 90 -6.53 20.48 -10.52
C PHE A 90 -7.57 19.40 -10.24
N TYR A 91 -7.31 18.59 -9.22
CA TYR A 91 -8.27 17.58 -8.81
C TYR A 91 -9.65 18.24 -8.64
N PRO A 92 -10.64 17.73 -9.39
CA PRO A 92 -11.91 18.44 -9.61
C PRO A 92 -12.76 18.38 -8.35
N LYS A 93 -13.31 19.53 -7.96
CA LYS A 93 -14.21 19.56 -6.85
C LYS A 93 -15.50 20.22 -7.30
N ASN A 94 -15.51 21.55 -7.24
CA ASN A 94 -16.57 22.32 -7.86
C ASN A 94 -16.06 22.90 -9.16
N ASP A 95 -16.44 22.24 -10.25
CA ASP A 95 -16.09 22.63 -11.62
C ASP A 95 -15.00 21.76 -12.20
N ALA A 96 -15.43 20.65 -12.77
CA ALA A 96 -14.56 19.74 -13.48
C ALA A 96 -14.15 20.36 -14.79
N ASN A 97 -14.97 21.29 -15.28
CA ASN A 97 -14.71 21.95 -16.55
C ASN A 97 -13.45 22.76 -16.51
N LEU A 98 -13.20 23.37 -15.36
CA LEU A 98 -11.99 24.15 -15.16
C LEU A 98 -10.83 23.21 -14.91
N SER A 99 -11.05 22.26 -14.01
CA SER A 99 -10.06 21.22 -13.81
C SER A 99 -9.62 20.78 -15.20
N LEU A 100 -10.60 20.47 -16.04
CA LEU A 100 -10.32 19.80 -17.29
C LEU A 100 -9.62 20.68 -18.29
N ALA A 101 -9.98 21.94 -18.31
CA ALA A 101 -9.40 22.85 -19.26
C ALA A 101 -7.96 23.12 -18.90
N THR A 102 -7.74 23.33 -17.59
CA THR A 102 -6.43 23.72 -17.06
C THR A 102 -5.43 22.57 -17.16
N ILE A 103 -5.97 21.36 -16.94
CA ILE A 103 -5.25 20.11 -17.09
C ILE A 103 -4.79 19.95 -18.52
N GLU A 104 -5.73 20.08 -19.47
CA GLU A 104 -5.40 20.01 -20.89
C GLU A 104 -4.38 21.07 -21.32
N MET A 105 -4.32 22.17 -20.59
CA MET A 105 -3.45 23.29 -20.95
C MET A 105 -2.04 23.13 -20.35
N THR A 106 -1.98 22.52 -19.18
CA THR A 106 -0.71 22.34 -18.50
C THR A 106 0.10 21.22 -19.09
N TYR A 107 -0.56 20.09 -19.32
CA TYR A 107 0.10 18.89 -19.78
C TYR A 107 0.05 18.75 -21.29
N GLN A 108 1.01 18.02 -21.84
CA GLN A 108 1.12 17.85 -23.27
C GLN A 108 0.17 16.74 -23.65
N ASN A 109 0.17 15.70 -22.83
CA ASN A 109 -0.57 14.51 -23.16
C ASN A 109 -0.93 13.71 -21.91
N PRO A 110 -1.89 14.22 -21.13
CA PRO A 110 -2.29 13.53 -19.90
C PRO A 110 -3.15 12.28 -20.15
N MET A 111 -3.12 11.37 -19.18
CA MET A 111 -4.08 10.26 -19.13
C MET A 111 -4.47 10.04 -17.70
N PHE A 112 -5.75 9.78 -17.47
CA PHE A 112 -6.21 9.52 -16.12
C PHE A 112 -6.12 8.03 -15.84
N TRP A 113 -5.43 7.72 -14.75
CA TRP A 113 -5.37 6.36 -14.25
C TRP A 113 -6.07 6.41 -12.90
N HIS A 114 -7.33 6.02 -12.86
CA HIS A 114 -8.06 6.05 -11.59
C HIS A 114 -8.33 4.66 -11.05
N VAL A 115 -8.33 4.54 -9.74
CA VAL A 115 -8.47 3.25 -9.08
C VAL A 115 -9.48 3.35 -7.98
N GLY A 116 -10.60 2.66 -8.14
CA GLY A 116 -11.54 2.50 -7.06
C GLY A 116 -12.79 3.32 -7.24
N LYS A 117 -13.44 3.58 -6.12
CA LYS A 117 -14.69 4.32 -6.14
C LYS A 117 -14.50 5.72 -6.69
N ILE A 118 -15.42 6.12 -7.56
CA ILE A 118 -15.52 7.50 -8.05
C ILE A 118 -16.37 8.30 -7.05
N GLU A 119 -15.70 9.04 -6.16
CA GLU A 119 -16.37 9.54 -4.97
C GLU A 119 -17.03 10.92 -5.14
N ASN A 120 -16.87 11.55 -6.29
CA ASN A 120 -17.57 12.80 -6.52
C ASN A 120 -17.95 12.96 -7.98
N GLU A 121 -18.91 13.96 -8.41
CA GLU A 121 -19.41 14.17 -9.77
C GLU A 121 -18.35 14.89 -10.61
N GLY A 122 -17.51 15.62 -9.76
CA GLY A 122 -16.37 16.25 -10.40
C GLY A 122 -15.50 15.24 -11.09
N LEU A 123 -15.05 14.22 -10.36
CA LEU A 123 -14.18 13.19 -10.92
C LEU A 123 -14.92 12.29 -11.94
N LYS A 124 -16.17 11.96 -11.64
CA LYS A 124 -16.92 11.18 -12.61
C LYS A 124 -16.82 11.91 -13.95
N THR A 125 -17.18 13.19 -13.93
CA THR A 125 -17.25 14.00 -15.15
C THR A 125 -15.96 14.00 -15.96
N ILE A 126 -14.83 14.01 -15.27
CA ILE A 126 -13.55 14.03 -15.98
C ILE A 126 -13.21 12.67 -16.54
N LEU A 127 -13.54 11.61 -15.79
CA LEU A 127 -13.17 10.26 -16.21
C LEU A 127 -14.05 9.86 -17.40
N LEU A 128 -15.22 10.50 -17.50
CA LEU A 128 -16.08 10.38 -18.66
C LEU A 128 -15.67 11.33 -19.79
N SER A 129 -14.73 12.23 -19.53
CA SER A 129 -14.27 13.17 -20.56
C SER A 129 -13.64 12.41 -21.72
N LYS A 130 -13.03 13.12 -22.66
CA LYS A 130 -12.37 12.37 -23.72
C LYS A 130 -10.86 12.18 -23.54
N ILE A 131 -10.30 12.78 -22.50
CA ILE A 131 -8.91 12.51 -22.15
C ILE A 131 -8.81 11.02 -21.88
N PRO A 132 -7.80 10.39 -22.47
CA PRO A 132 -7.39 8.99 -22.30
C PRO A 132 -7.43 8.57 -20.84
N SER A 133 -7.90 7.35 -20.57
CA SER A 133 -7.93 6.90 -19.19
C SER A 133 -7.40 5.49 -19.05
N PHE A 134 -7.41 5.02 -17.81
CA PHE A 134 -6.94 3.69 -17.46
C PHE A 134 -7.77 3.40 -16.22
N LEU A 135 -8.98 2.94 -16.42
CA LEU A 135 -9.93 2.86 -15.33
C LEU A 135 -9.90 1.50 -14.62
N TRP A 136 -9.54 1.53 -13.34
CA TRP A 136 -9.62 0.38 -12.45
C TRP A 136 -10.77 0.66 -11.51
N LEU A 137 -11.96 0.21 -11.89
CA LEU A 137 -13.21 0.60 -11.25
C LEU A 137 -13.96 -0.56 -10.60
N PHE A 138 -14.94 -0.21 -9.76
CA PHE A 138 -15.78 -1.20 -9.14
C PHE A 138 -17.09 -1.30 -9.89
N GLU A 139 -17.29 -0.41 -10.86
CA GLU A 139 -18.55 -0.35 -11.58
C GLU A 139 -18.25 0.24 -12.92
N GLU A 140 -18.79 -0.33 -13.98
CA GLU A 140 -18.39 0.13 -15.28
C GLU A 140 -19.02 1.38 -15.81
N LEU A 141 -18.31 2.44 -15.52
CA LEU A 141 -18.57 3.79 -15.90
C LEU A 141 -18.50 3.83 -17.39
N LYS A 142 -17.54 3.12 -17.91
CA LYS A 142 -17.23 3.03 -19.31
C LYS A 142 -16.78 1.63 -19.72
N GLU A 143 -16.95 1.29 -20.99
CA GLU A 143 -16.49 -0.02 -21.52
C GLU A 143 -15.02 -0.40 -21.52
N ASP A 144 -14.16 0.56 -21.81
CA ASP A 144 -12.77 0.27 -21.66
C ASP A 144 -12.47 0.55 -20.20
N CYS A 145 -12.74 -0.43 -19.38
CA CYS A 145 -12.47 -0.35 -17.97
C CYS A 145 -12.00 -1.69 -17.48
N LEU A 146 -11.33 -1.71 -16.35
CA LEU A 146 -10.98 -2.95 -15.74
C LEU A 146 -11.87 -3.08 -14.53
N LEU A 147 -12.70 -4.10 -14.49
CA LEU A 147 -13.63 -4.30 -13.38
C LEU A 147 -13.08 -5.08 -12.19
N LEU A 148 -13.38 -4.60 -10.99
CA LEU A 148 -12.84 -5.18 -9.76
C LEU A 148 -13.91 -5.42 -8.71
N LYS A 149 -13.94 -6.62 -8.14
CA LYS A 149 -14.84 -6.87 -7.02
C LYS A 149 -14.43 -5.99 -5.84
N GLU A 150 -15.31 -5.09 -5.44
CA GLU A 150 -15.00 -4.20 -4.34
C GLU A 150 -14.77 -4.94 -3.00
N HIS A 151 -15.70 -5.86 -2.67
CA HIS A 151 -15.75 -6.49 -1.36
C HIS A 151 -14.98 -7.80 -1.25
N ASP A 152 -14.14 -8.04 -2.25
CA ASP A 152 -13.25 -9.18 -2.30
C ASP A 152 -12.22 -9.12 -1.15
N SER A 153 -12.10 -10.21 -0.39
CA SER A 153 -11.14 -10.22 0.71
C SER A 153 -9.69 -10.15 0.19
N LEU A 154 -9.52 -10.47 -1.08
CA LEU A 154 -8.22 -10.49 -1.71
C LEU A 154 -8.02 -9.32 -2.65
N LEU A 155 -8.94 -8.36 -2.61
CA LEU A 155 -8.77 -7.14 -3.41
C LEU A 155 -7.34 -6.58 -3.30
N ASP A 156 -6.88 -6.35 -2.07
CA ASP A 156 -5.60 -5.72 -1.84
C ASP A 156 -4.44 -6.42 -2.55
N TYR A 157 -4.44 -7.75 -2.53
CA TYR A 157 -3.43 -8.51 -3.23
C TYR A 157 -3.51 -8.33 -4.74
N LYS A 158 -4.71 -8.29 -5.29
CA LYS A 158 -4.86 -8.21 -6.74
C LYS A 158 -4.43 -6.87 -7.32
N LEU A 159 -4.47 -5.82 -6.50
CA LEU A 159 -3.97 -4.51 -6.95
C LEU A 159 -2.44 -4.58 -7.24
N LEU A 160 -1.65 -5.07 -6.27
CA LEU A 160 -0.23 -5.34 -6.49
C LEU A 160 0.05 -6.15 -7.77
N GLN A 161 -0.62 -7.30 -7.87
CA GLN A 161 -0.48 -8.21 -9.00
C GLN A 161 -0.70 -7.50 -10.32
N LEU A 162 -1.80 -6.77 -10.39
CA LEU A 162 -2.15 -6.03 -11.60
C LEU A 162 -1.10 -4.95 -11.86
N PHE A 163 -0.73 -4.25 -10.80
CA PHE A 163 0.27 -3.24 -10.99
C PHE A 163 1.50 -3.90 -11.53
N LYS A 164 1.94 -4.93 -10.80
CA LYS A 164 3.14 -5.68 -11.19
C LYS A 164 3.03 -6.16 -12.63
N LEU A 165 1.86 -6.66 -13.00
CA LEU A 165 1.61 -7.03 -14.39
C LEU A 165 1.79 -5.82 -15.30
N PHE A 166 1.15 -4.71 -14.94
CA PHE A 166 1.37 -3.48 -15.69
C PHE A 166 2.85 -3.03 -15.76
N GLU A 167 3.54 -2.92 -14.63
CA GLU A 167 4.94 -2.48 -14.66
C GLU A 167 5.81 -3.35 -15.58
N ASN A 168 5.68 -4.67 -15.42
CA ASN A 168 6.39 -5.62 -16.26
C ASN A 168 6.06 -5.47 -17.72
N ALA A 169 4.78 -5.31 -18.00
CA ALA A 169 4.36 -5.24 -19.38
C ALA A 169 4.97 -4.02 -20.02
N LEU A 170 4.92 -2.89 -19.33
CA LEU A 170 5.45 -1.64 -19.88
C LEU A 170 6.95 -1.66 -20.17
N PHE A 171 7.73 -2.20 -19.24
CA PHE A 171 9.19 -2.31 -19.38
C PHE A 171 9.65 -3.41 -20.36
N SER A 172 8.88 -4.50 -20.43
CA SER A 172 9.08 -5.56 -21.42
C SER A 172 8.93 -5.03 -22.85
N VAL A 173 8.06 -4.04 -23.05
CA VAL A 173 7.91 -3.45 -24.37
C VAL A 173 8.86 -2.25 -24.58
N LEU A 174 9.12 -1.48 -23.52
CA LEU A 174 10.01 -0.32 -23.64
C LEU A 174 11.39 -0.81 -23.99
N TYR A 175 11.71 -1.99 -23.47
CA TYR A 175 13.04 -2.54 -23.60
C TYR A 175 13.15 -3.52 -24.77
N ASN A 176 12.07 -3.60 -25.57
CA ASN A 176 12.06 -4.41 -26.79
C ASN A 176 12.23 -5.92 -26.56
N LYS A 177 11.87 -6.39 -25.37
CA LYS A 177 11.86 -7.82 -25.06
C LYS A 177 10.56 -8.46 -25.56
N VAL A 178 9.62 -7.62 -25.95
CA VAL A 178 8.29 -8.05 -26.33
C VAL A 178 7.76 -7.08 -27.39
N THR A 179 6.92 -7.60 -28.29
CA THR A 179 6.38 -6.80 -29.39
C THR A 179 4.91 -6.44 -29.22
N LEU A 180 4.67 -5.15 -29.04
CA LEU A 180 3.33 -4.60 -28.89
C LEU A 180 2.87 -3.99 -30.23
N MET B 1 11.06 -10.42 -31.81
CA MET B 1 10.64 -10.49 -30.42
C MET B 1 9.35 -11.31 -30.29
N LYS B 2 8.80 -11.36 -29.08
CA LYS B 2 7.61 -12.15 -28.85
C LYS B 2 6.42 -11.23 -28.77
N ASN B 3 5.27 -11.68 -29.27
CA ASN B 3 4.09 -10.83 -29.28
C ASN B 3 3.64 -10.52 -27.86
N PHE B 4 3.24 -9.28 -27.67
CA PHE B 4 2.80 -8.81 -26.37
C PHE B 4 1.61 -9.62 -25.85
N TYR B 5 0.70 -9.99 -26.75
CA TYR B 5 -0.55 -10.62 -26.33
C TYR B 5 -0.36 -12.05 -25.92
N ASP B 6 0.57 -12.72 -26.58
CA ASP B 6 1.03 -14.01 -26.13
C ASP B 6 1.91 -13.83 -24.92
N TRP B 7 2.75 -12.81 -24.92
CA TRP B 7 3.59 -12.55 -23.76
C TRP B 7 2.73 -12.41 -22.51
N ILE B 8 1.83 -11.45 -22.53
CA ILE B 8 1.04 -11.15 -21.34
C ILE B 8 0.35 -12.40 -20.81
N LYS B 9 -0.16 -13.23 -21.72
CA LYS B 9 -0.76 -14.51 -21.35
C LYS B 9 0.17 -15.44 -20.56
N GLU B 10 1.31 -15.80 -21.13
CA GLU B 10 2.26 -16.59 -20.37
C GLU B 10 2.50 -15.94 -19.02
N PHE B 11 2.86 -14.65 -19.05
CA PHE B 11 3.21 -13.93 -17.84
C PHE B 11 2.15 -14.07 -16.78
N ILE B 12 0.90 -13.85 -17.16
CA ILE B 12 -0.20 -13.93 -16.21
C ILE B 12 -0.26 -15.27 -15.47
N ARG B 13 0.01 -16.37 -16.17
CA ARG B 13 0.00 -17.71 -15.56
C ARG B 13 1.11 -17.99 -14.55
N ASP B 14 2.35 -17.65 -14.91
CA ASP B 14 3.49 -17.85 -14.02
C ASP B 14 3.23 -17.06 -12.77
N GLN B 15 2.69 -15.85 -12.95
CA GLN B 15 2.50 -14.91 -11.87
C GLN B 15 1.64 -15.53 -10.80
N GLY B 16 0.46 -15.98 -11.25
CA GLY B 16 -0.54 -16.57 -10.39
C GLY B 16 -0.05 -17.85 -9.78
N GLU B 17 0.64 -18.66 -10.59
CA GLU B 17 1.21 -19.90 -10.12
C GLU B 17 2.22 -19.72 -9.02
N PHE B 18 3.22 -18.89 -9.30
CA PHE B 18 4.26 -18.55 -8.34
C PHE B 18 3.64 -18.12 -7.04
N ILE B 19 2.57 -17.36 -7.13
CA ILE B 19 1.83 -16.95 -5.95
C ILE B 19 1.24 -18.13 -5.14
N ALA B 20 0.50 -19.00 -5.84
CA ALA B 20 -0.06 -20.17 -5.21
C ALA B 20 1.09 -20.97 -4.61
N GLN B 21 2.15 -21.09 -5.40
CA GLN B 21 3.27 -21.91 -5.03
C GLN B 21 3.83 -21.48 -3.68
N GLN B 22 3.90 -20.17 -3.47
CA GLN B 22 4.49 -19.62 -2.25
C GLN B 22 3.50 -19.40 -1.13
N SER B 23 2.23 -19.68 -1.41
CA SER B 23 1.14 -19.39 -0.48
C SER B 23 1.43 -19.84 0.95
N GLY B 24 2.16 -20.93 1.11
CA GLY B 24 2.33 -21.55 2.42
C GLY B 24 3.42 -20.93 3.22
N TRP B 25 4.22 -20.09 2.56
CA TRP B 25 5.44 -19.56 3.12
C TRP B 25 5.34 -19.30 4.63
N LEU B 26 4.28 -18.63 5.05
CA LEU B 26 4.20 -18.15 6.42
C LEU B 26 4.01 -19.28 7.42
N GLU B 27 3.16 -20.23 7.13
CA GLU B 27 3.01 -21.38 7.99
C GLU B 27 4.22 -22.24 7.89
N LEU B 28 4.69 -22.45 6.70
CA LEU B 28 5.88 -23.22 6.65
C LEU B 28 6.70 -22.21 7.36
N GLU B 29 7.58 -22.59 8.24
CA GLU B 29 8.37 -21.61 8.95
C GLU B 29 7.70 -20.94 10.13
N ARG B 30 6.55 -21.39 10.60
CA ARG B 30 5.97 -20.52 11.60
C ARG B 30 6.88 -20.40 12.79
N SER B 31 7.04 -19.13 13.09
CA SER B 31 7.79 -18.47 14.15
C SER B 31 7.20 -18.11 15.45
N SER B 32 8.08 -17.36 16.08
CA SER B 32 7.97 -16.65 17.30
C SER B 32 7.00 -15.55 16.91
N TYR B 33 6.76 -15.40 15.63
CA TYR B 33 5.87 -14.37 15.19
C TYR B 33 4.60 -14.38 15.96
N ALA B 34 4.13 -15.51 16.44
CA ALA B 34 2.88 -15.54 17.19
C ALA B 34 2.99 -14.77 18.50
N LYS B 35 4.10 -14.97 19.21
CA LYS B 35 4.29 -14.33 20.49
C LYS B 35 4.44 -12.82 20.37
N LEU B 36 5.05 -12.35 19.29
CA LEU B 36 5.17 -10.92 19.04
C LEU B 36 3.79 -10.32 18.95
N ILE B 37 2.99 -10.91 18.08
CA ILE B 37 1.60 -10.52 17.94
C ILE B 37 0.91 -10.58 19.29
N ALA B 38 1.05 -11.69 19.98
CA ALA B 38 0.53 -11.80 21.33
C ALA B 38 0.90 -10.55 22.14
N GLN B 39 2.19 -10.30 22.33
CA GLN B 39 2.62 -9.18 23.17
C GLN B 39 2.13 -7.85 22.65
N THR B 40 2.32 -7.59 21.36
CA THR B 40 1.77 -6.39 20.74
C THR B 40 0.27 -6.24 21.01
N ILE B 41 -0.45 -7.35 20.88
CA ILE B 41 -1.88 -7.31 21.14
C ILE B 41 -2.13 -6.91 22.60
N SER B 42 -1.53 -7.66 23.52
CA SER B 42 -1.63 -7.29 24.92
C SER B 42 -1.35 -5.81 25.09
N HIS B 43 -0.24 -5.34 24.52
CA HIS B 43 0.18 -3.95 24.58
C HIS B 43 -0.98 -3.05 24.26
N VAL B 44 -1.48 -3.21 23.04
CA VAL B 44 -2.62 -2.43 22.56
C VAL B 44 -3.88 -2.54 23.43
N LEU B 45 -4.24 -3.75 23.86
CA LEU B 45 -5.44 -3.95 24.67
C LEU B 45 -5.26 -3.35 26.06
N ASN B 46 -4.03 -3.00 26.39
CA ASN B 46 -3.76 -2.37 27.67
C ASN B 46 -3.77 -0.86 27.55
N GLY B 47 -4.13 -0.39 26.36
CA GLY B 47 -4.28 1.02 26.11
C GLY B 47 -3.04 1.67 25.51
N GLY B 48 -1.92 0.95 25.47
CA GLY B 48 -0.70 1.48 24.88
C GLY B 48 -0.92 1.99 23.47
N SER B 49 0.08 2.64 22.88
CA SER B 49 -0.07 3.25 21.56
C SER B 49 0.96 2.68 20.58
N LEU B 50 0.68 2.88 19.29
CA LEU B 50 1.49 2.28 18.23
C LEU B 50 2.03 3.34 17.31
N LEU B 51 3.32 3.63 17.47
CA LEU B 51 4.02 4.62 16.67
C LEU B 51 4.62 3.89 15.50
N VAL B 52 4.02 4.10 14.33
CA VAL B 52 4.42 3.35 13.14
C VAL B 52 5.42 4.07 12.26
N SER B 53 6.53 3.41 11.96
CA SER B 53 7.48 3.98 11.02
C SER B 53 7.82 2.95 9.94
N ALA B 54 8.33 3.44 8.80
CA ALA B 54 8.65 2.60 7.64
C ALA B 54 9.86 3.12 6.80
N ASP B 55 10.61 2.20 6.20
CA ASP B 55 11.68 2.66 5.33
C ASP B 55 11.07 3.34 4.11
N SER B 56 11.86 4.15 3.44
CA SER B 56 11.36 4.97 2.34
C SER B 56 10.80 4.19 1.14
N SER B 57 10.94 2.87 1.16
CA SER B 57 10.37 2.02 0.11
C SER B 57 8.99 1.51 0.49
N ARG B 58 8.69 1.62 1.77
CA ARG B 58 7.44 1.14 2.34
C ARG B 58 6.55 2.26 2.91
N HIS B 59 6.43 3.41 2.26
CA HIS B 59 5.50 4.44 2.75
C HIS B 59 4.09 3.96 2.55
N TRP B 60 3.87 3.47 1.34
CA TRP B 60 2.61 2.85 0.97
C TRP B 60 2.07 1.86 2.03
N PHE B 61 2.97 1.17 2.72
CA PHE B 61 2.58 0.22 3.76
C PHE B 61 2.27 0.86 5.10
N LEU B 62 3.03 1.88 5.46
CA LEU B 62 2.68 2.69 6.59
C LEU B 62 1.26 3.25 6.37
N ASN B 63 1.02 3.79 5.18
CA ASN B 63 -0.29 4.31 4.81
C ASN B 63 -1.36 3.25 5.00
N TYR B 64 -1.10 2.08 4.42
CA TYR B 64 -1.97 0.91 4.53
C TYR B 64 -2.27 0.55 5.98
N ILE B 65 -1.25 0.60 6.83
CA ILE B 65 -1.44 0.24 8.21
C ILE B 65 -2.37 1.23 8.84
N LEU B 66 -2.11 2.51 8.62
CA LEU B 66 -2.91 3.58 9.22
C LEU B 66 -4.39 3.55 8.82
N SER B 67 -4.66 3.31 7.54
CA SER B 67 -6.02 3.35 7.08
C SER B 67 -6.74 2.04 7.33
N ASN B 68 -6.02 0.95 7.53
CA ASN B 68 -6.70 -0.32 7.78
C ASN B 68 -7.01 -0.54 9.25
N LEU B 69 -6.16 -0.03 10.13
CA LEU B 69 -6.45 -0.06 11.57
C LEU B 69 -7.61 0.88 11.92
N ASN B 70 -7.60 2.08 11.34
CA ASN B 70 -8.68 3.06 11.54
C ASN B 70 -9.26 3.53 10.22
N PRO B 71 -10.21 2.74 9.68
CA PRO B 71 -10.81 2.97 8.37
C PRO B 71 -11.74 4.17 8.39
N LYS B 72 -12.03 4.74 7.22
CA LYS B 72 -12.83 5.96 7.21
C LYS B 72 -14.12 5.73 7.99
N ASP B 73 -14.83 4.65 7.63
CA ASP B 73 -16.05 4.27 8.32
C ASP B 73 -15.71 3.24 9.39
N LEU B 74 -15.46 3.72 10.60
CA LEU B 74 -15.15 2.84 11.72
C LEU B 74 -16.23 1.80 11.99
N LYS B 75 -17.48 2.08 11.64
CA LYS B 75 -18.60 1.25 12.07
C LYS B 75 -18.63 1.15 13.60
N GLU B 76 -18.43 -0.02 14.19
CA GLU B 76 -18.54 -0.10 15.64
C GLU B 76 -17.21 -0.41 16.27
N ARG B 77 -16.19 -0.48 15.43
CA ARG B 77 -14.81 -0.64 15.87
C ARG B 77 -14.35 0.42 16.86
N PRO B 78 -13.30 0.11 17.63
CA PRO B 78 -12.65 1.13 18.45
C PRO B 78 -11.97 2.15 17.55
N LEU B 79 -11.64 3.31 18.11
CA LEU B 79 -10.64 4.14 17.48
C LEU B 79 -9.31 3.68 18.05
N LEU B 80 -8.48 3.08 17.21
CA LEU B 80 -7.26 2.44 17.73
C LEU B 80 -6.14 3.47 17.87
N SER B 81 -5.36 3.38 18.93
CA SER B 81 -4.33 4.41 19.19
C SER B 81 -3.11 4.20 18.28
N VAL B 82 -3.17 4.72 17.06
CA VAL B 82 -2.14 4.46 16.04
C VAL B 82 -1.53 5.80 15.55
N ILE B 83 -0.20 5.87 15.56
CA ILE B 83 0.48 7.09 15.18
C ILE B 83 1.41 6.88 13.97
N ASP B 84 1.23 7.68 12.95
CA ASP B 84 2.21 7.81 11.88
C ASP B 84 3.44 8.58 12.41
N PHE B 85 4.38 7.81 12.92
CA PHE B 85 5.58 8.29 13.59
C PHE B 85 6.65 8.75 12.59
N ASN B 86 6.59 8.23 11.37
CA ASN B 86 7.38 8.80 10.29
C ASN B 86 7.18 10.32 10.11
N ALA B 87 5.92 10.74 10.11
CA ALA B 87 5.58 12.12 9.83
C ALA B 87 5.68 13.03 11.08
N SER B 88 5.96 12.42 12.22
CA SER B 88 5.96 13.14 13.48
C SER B 88 7.18 14.01 13.71
N SER B 89 7.02 14.99 14.60
CA SER B 89 8.09 15.89 14.96
C SER B 89 9.17 15.18 15.77
N PHE B 90 8.82 14.06 16.40
CA PHE B 90 9.74 13.35 17.29
C PHE B 90 10.60 12.30 16.59
N TYR B 91 10.25 11.99 15.34
CA TYR B 91 11.03 11.08 14.54
C TYR B 91 12.48 11.53 14.61
N PRO B 92 13.38 10.61 15.04
CA PRO B 92 14.74 10.94 15.48
C PRO B 92 15.61 11.25 14.28
N LYS B 93 16.36 12.35 14.36
CA LYS B 93 17.30 12.67 13.30
C LYS B 93 18.66 12.88 13.95
N ASN B 94 18.88 14.10 14.41
CA ASN B 94 20.04 14.38 15.24
C ASN B 94 19.59 14.48 16.70
N ASP B 95 19.83 13.40 17.43
CA ASP B 95 19.49 13.25 18.85
C ASP B 95 18.24 12.41 19.06
N ALA B 96 18.48 11.11 19.18
CA ALA B 96 17.44 10.16 19.47
C ALA B 96 17.08 10.26 20.95
N ASN B 97 18.02 10.78 21.74
CA ASN B 97 17.81 10.92 23.16
C ASN B 97 16.71 11.89 23.49
N LEU B 98 16.61 12.94 22.70
CA LEU B 98 15.55 13.92 22.86
C LEU B 98 14.27 13.36 22.27
N SER B 99 14.36 12.83 21.07
CA SER B 99 13.23 12.13 20.49
C SER B 99 12.65 11.24 21.59
N LEU B 100 13.53 10.46 22.21
CA LEU B 100 13.11 9.41 23.11
C LEU B 100 12.54 9.91 24.42
N ALA B 101 13.07 11.00 24.91
CA ALA B 101 12.63 11.54 26.18
C ALA B 101 11.26 12.18 26.01
N THR B 102 11.11 12.93 24.91
CA THR B 102 9.89 13.68 24.60
C THR B 102 8.75 12.70 24.36
N ILE B 103 9.10 11.66 23.59
CA ILE B 103 8.18 10.60 23.23
C ILE B 103 7.66 10.01 24.52
N GLU B 104 8.57 9.60 25.40
CA GLU B 104 8.20 9.04 26.69
C GLU B 104 7.33 9.98 27.51
N MET B 105 7.49 11.28 27.29
CA MET B 105 6.79 12.28 28.09
C MET B 105 5.37 12.62 27.55
N THR B 106 5.24 12.58 26.22
CA THR B 106 3.99 12.91 25.56
C THR B 106 3.00 11.77 25.68
N TYR B 107 3.46 10.55 25.44
CA TYR B 107 2.59 9.40 25.39
C TYR B 107 2.56 8.70 26.74
N GLN B 108 1.49 7.95 26.98
CA GLN B 108 1.30 7.20 28.21
C GLN B 108 2.02 5.88 28.09
N ASN B 109 1.88 5.27 26.93
CA ASN B 109 2.41 3.93 26.74
C ASN B 109 2.69 3.64 25.28
N PRO B 110 3.72 4.26 24.73
CA PRO B 110 4.03 4.06 23.31
C PRO B 110 4.66 2.70 23.01
N MET B 111 4.53 2.25 21.76
CA MET B 111 5.31 1.13 21.26
C MET B 111 5.73 1.44 19.85
N PHE B 112 6.93 1.06 19.48
CA PHE B 112 7.39 1.28 18.12
C PHE B 112 7.04 0.08 17.27
N TRP B 113 6.38 0.35 16.15
CA TRP B 113 6.11 -0.66 15.16
C TRP B 113 6.85 -0.24 13.90
N HIS B 114 8.04 -0.78 13.69
CA HIS B 114 8.81 -0.40 12.51
C HIS B 114 8.86 -1.50 11.46
N VAL B 115 8.95 -1.10 10.20
CA VAL B 115 8.85 -2.02 9.08
C VAL B 115 9.88 -1.66 8.06
N GLY B 116 10.88 -2.51 7.92
CA GLY B 116 11.81 -2.36 6.82
C GLY B 116 13.18 -1.93 7.27
N LYS B 117 13.91 -1.32 6.34
CA LYS B 117 15.26 -0.89 6.62
C LYS B 117 15.29 0.19 7.69
N ILE B 118 16.22 0.03 8.62
CA ILE B 118 16.53 1.07 9.59
C ILE B 118 17.54 2.04 8.94
N GLU B 119 17.04 3.19 8.46
CA GLU B 119 17.82 4.00 7.54
C GLU B 119 18.70 5.06 8.21
N ASN B 120 18.59 5.20 9.54
CA ASN B 120 19.48 6.13 10.22
C ASN B 120 19.82 5.64 11.62
N GLU B 121 20.89 6.21 12.17
CA GLU B 121 21.39 5.81 13.48
C GLU B 121 20.45 6.29 14.59
N GLY B 122 19.76 7.41 14.31
CA GLY B 122 18.74 7.91 15.18
C GLY B 122 17.67 6.86 15.44
N LEU B 123 17.11 6.30 14.39
CA LEU B 123 16.05 5.31 14.54
C LEU B 123 16.58 4.00 15.11
N LYS B 124 17.78 3.60 14.67
CA LYS B 124 18.36 2.39 15.21
C LYS B 124 18.32 2.53 16.72
N THR B 125 18.87 3.66 17.20
CA THR B 125 19.03 3.88 18.63
C THR B 125 17.74 3.77 19.44
N ILE B 126 16.64 4.18 18.84
CA ILE B 126 15.38 4.19 19.54
C ILE B 126 14.78 2.80 19.53
N LEU B 127 14.96 2.08 18.42
CA LEU B 127 14.38 0.75 18.28
C LEU B 127 15.14 -0.24 19.18
N LEU B 128 16.39 0.10 19.47
CA LEU B 128 17.18 -0.60 20.47
C LEU B 128 16.88 -0.12 21.91
N SER B 129 16.11 0.95 22.04
CA SER B 129 15.77 1.49 23.36
C SER B 129 15.00 0.45 24.15
N LYS B 130 14.47 0.82 25.31
CA LYS B 130 13.66 -0.16 26.02
C LYS B 130 12.15 -0.01 25.84
N ILE B 131 11.73 1.04 25.13
CA ILE B 131 10.34 1.15 24.75
C ILE B 131 10.00 -0.08 23.91
N PRO B 132 8.88 -0.72 24.22
CA PRO B 132 8.26 -1.84 23.54
C PRO B 132 8.28 -1.66 22.02
N SER B 133 8.54 -2.73 21.28
CA SER B 133 8.54 -2.60 19.85
C SER B 133 7.80 -3.75 19.18
N PHE B 134 7.78 -3.68 17.86
CA PHE B 134 7.10 -4.64 17.02
C PHE B 134 7.90 -4.55 15.73
N LEU B 135 9.02 -5.23 15.69
CA LEU B 135 9.98 -5.02 14.62
C LEU B 135 9.76 -5.97 13.44
N TRP B 136 9.44 -5.40 12.29
CA TRP B 136 9.38 -6.11 11.04
C TRP B 136 10.60 -5.68 10.23
N LEU B 137 11.70 -6.44 10.36
CA LEU B 137 13.01 -6.02 9.88
C LEU B 137 13.59 -6.94 8.80
N PHE B 138 14.63 -6.46 8.14
CA PHE B 138 15.32 -7.24 7.16
C PHE B 138 16.56 -7.87 7.76
N GLU B 139 16.86 -7.49 8.99
CA GLU B 139 18.07 -7.92 9.64
C GLU B 139 17.84 -7.87 11.12
N GLU B 140 18.18 -8.92 11.84
CA GLU B 140 17.78 -8.98 13.24
C GLU B 140 18.57 -8.09 14.20
N LEU B 141 18.25 -6.81 14.12
CA LEU B 141 18.58 -5.81 15.10
C LEU B 141 18.50 -6.34 16.53
N LYS B 142 17.58 -7.27 16.78
CA LYS B 142 17.23 -7.68 18.13
C LYS B 142 16.52 -9.03 18.15
N GLU B 143 16.64 -9.78 19.25
CA GLU B 143 16.05 -11.13 19.36
C GLU B 143 14.60 -11.19 18.90
N ASP B 144 13.78 -10.37 19.56
CA ASP B 144 12.36 -10.30 19.29
C ASP B 144 12.06 -9.40 18.10
N CYS B 145 12.18 -9.97 16.91
CA CYS B 145 11.73 -9.31 15.70
C CYS B 145 11.07 -10.31 14.74
N LEU B 146 10.51 -9.78 13.67
CA LEU B 146 9.96 -10.60 12.61
C LEU B 146 10.88 -10.39 11.41
N LEU B 147 11.61 -11.43 11.03
CA LEU B 147 12.52 -11.33 9.89
C LEU B 147 11.87 -11.48 8.52
N LEU B 148 12.29 -10.63 7.59
CA LEU B 148 11.72 -10.59 6.24
C LEU B 148 12.77 -10.56 5.14
N LYS B 149 12.60 -11.43 4.14
CA LYS B 149 13.50 -11.37 2.98
C LYS B 149 13.28 -10.05 2.26
N GLU B 150 14.31 -9.22 2.25
CA GLU B 150 14.19 -7.92 1.59
C GLU B 150 13.93 -8.04 0.07
N HIS B 151 14.68 -8.91 -0.60
CA HIS B 151 14.68 -8.96 -2.06
C HIS B 151 13.71 -9.96 -2.65
N ASP B 152 12.78 -10.42 -1.82
CA ASP B 152 11.73 -11.34 -2.21
C ASP B 152 10.77 -10.67 -3.18
N SER B 153 10.49 -11.32 -4.31
CA SER B 153 9.58 -10.72 -5.29
C SER B 153 8.15 -10.64 -4.76
N LEU B 154 7.90 -11.41 -3.71
CA LEU B 154 6.58 -11.45 -3.08
C LEU B 154 6.55 -10.74 -1.74
N LEU B 155 7.61 -10.01 -1.43
CA LEU B 155 7.61 -9.18 -0.22
C LEU B 155 6.30 -8.41 -0.06
N ASP B 156 5.92 -7.64 -1.08
CA ASP B 156 4.77 -6.76 -0.99
C ASP B 156 3.50 -7.51 -0.59
N TYR B 157 3.28 -8.67 -1.16
CA TYR B 157 2.12 -9.46 -0.77
C TYR B 157 2.17 -9.91 0.69
N LYS B 158 3.35 -10.29 1.18
CA LYS B 158 3.44 -10.81 2.53
C LYS B 158 3.23 -9.76 3.63
N LEU B 159 3.52 -8.50 3.31
CA LEU B 159 3.21 -7.43 4.23
C LEU B 159 1.67 -7.34 4.51
N LEU B 160 0.88 -7.28 3.45
CA LEU B 160 -0.59 -7.37 3.58
C LEU B 160 -1.04 -8.54 4.46
N GLN B 161 -0.62 -9.73 4.07
CA GLN B 161 -0.96 -10.97 4.74
C GLN B 161 -0.67 -10.90 6.22
N LEU B 162 0.54 -10.45 6.53
CA LEU B 162 0.96 -10.30 7.90
C LEU B 162 0.11 -9.26 8.63
N PHE B 163 -0.13 -8.14 7.95
CA PHE B 163 -0.93 -7.13 8.57
C PHE B 163 -2.26 -7.74 8.83
N LYS B 164 -2.85 -8.31 7.78
CA LYS B 164 -4.16 -8.92 7.88
C LYS B 164 -4.19 -9.93 9.03
N LEU B 165 -3.13 -10.73 9.13
CA LEU B 165 -2.98 -11.67 10.23
C LEU B 165 -3.00 -10.91 11.54
N PHE B 166 -2.17 -9.88 11.63
CA PHE B 166 -2.21 -9.01 12.80
C PHE B 166 -3.59 -8.38 13.12
N GLU B 167 -4.22 -7.73 12.14
CA GLU B 167 -5.53 -7.11 12.37
C GLU B 167 -6.55 -8.13 12.90
N ASN B 168 -6.63 -9.28 12.23
CA ASN B 168 -7.54 -10.34 12.66
C ASN B 168 -7.26 -10.84 14.04
N ALA B 169 -5.99 -10.99 14.35
CA ALA B 169 -5.61 -11.56 15.61
C ALA B 169 -6.05 -10.61 16.69
N LEU B 170 -5.77 -9.33 16.49
CA LEU B 170 -6.09 -8.33 17.50
C LEU B 170 -7.60 -8.21 17.81
N PHE B 171 -8.43 -8.22 16.77
CA PHE B 171 -9.88 -8.12 16.93
C PHE B 171 -10.57 -9.42 17.40
N SER B 172 -10.01 -10.56 17.00
CA SER B 172 -10.41 -11.87 17.49
C SER B 172 -10.21 -11.97 19.01
N VAL B 173 -9.18 -11.31 19.55
CA VAL B 173 -8.98 -11.30 21.01
C VAL B 173 -9.71 -10.14 21.71
N LEU B 174 -9.80 -8.98 21.05
CA LEU B 174 -10.51 -7.85 21.64
C LEU B 174 -11.97 -8.21 21.79
N TYR B 175 -12.45 -9.01 20.86
CA TYR B 175 -13.86 -9.35 20.82
C TYR B 175 -14.15 -10.68 21.53
N ASN B 176 -13.15 -11.23 22.21
CA ASN B 176 -13.30 -12.45 23.00
C ASN B 176 -13.70 -13.70 22.20
N LYS B 177 -13.36 -13.72 20.92
CA LYS B 177 -13.58 -14.86 20.04
C LYS B 177 -12.44 -15.87 20.20
N VAL B 178 -11.38 -15.42 20.88
CA VAL B 178 -10.18 -16.20 21.00
C VAL B 178 -9.51 -15.82 22.31
N THR B 179 -8.84 -16.78 22.94
CA THR B 179 -8.23 -16.59 24.25
C THR B 179 -6.71 -16.41 24.20
N LEU B 180 -6.27 -15.20 24.52
CA LEU B 180 -4.86 -14.88 24.58
C LEU B 180 -4.36 -14.91 26.03
N ASN C 6 23.87 0.79 -44.36
CA ASN C 6 23.49 0.20 -43.07
C ASN C 6 24.69 -0.31 -42.31
N ILE C 7 25.64 -0.81 -43.09
CA ILE C 7 26.93 -1.28 -42.57
C ILE C 7 27.50 -0.28 -41.58
N GLU C 8 27.05 0.96 -41.68
CA GLU C 8 27.56 2.05 -40.87
C GLU C 8 27.12 1.93 -39.42
N LYS C 9 26.40 0.87 -39.09
CA LYS C 9 25.81 0.75 -37.77
C LYS C 9 26.77 0.24 -36.68
N GLU C 10 27.89 -0.33 -37.10
CA GLU C 10 29.13 -0.41 -36.30
C GLU C 10 29.31 0.69 -35.26
N ILE C 11 28.59 1.80 -35.44
CA ILE C 11 28.34 2.74 -34.36
C ILE C 11 28.02 1.98 -33.05
N LEU C 12 27.12 1.00 -33.13
CA LEU C 12 26.74 0.21 -31.97
C LEU C 12 27.88 -0.55 -31.30
N ALA C 13 28.86 -1.01 -32.08
CA ALA C 13 29.99 -1.75 -31.53
C ALA C 13 30.95 -0.85 -30.75
N LEU C 14 31.11 0.40 -31.19
CA LEU C 14 31.89 1.38 -30.43
C LEU C 14 31.23 1.65 -29.10
N VAL C 15 29.91 1.56 -29.10
CA VAL C 15 29.13 1.86 -27.93
C VAL C 15 29.22 0.68 -26.98
N LYS C 16 28.92 -0.50 -27.53
CA LYS C 16 29.04 -1.75 -26.79
C LYS C 16 30.40 -1.81 -26.17
N GLN C 17 31.42 -1.59 -27.00
CA GLN C 17 32.81 -1.65 -26.57
C GLN C 17 33.25 -0.54 -25.59
N ASN C 18 32.36 0.39 -25.26
CA ASN C 18 32.71 1.49 -24.36
C ASN C 18 32.56 1.23 -22.87
N PRO C 19 33.59 1.62 -22.09
CA PRO C 19 33.62 1.59 -20.64
C PRO C 19 32.29 2.00 -20.01
N LYS C 20 31.94 3.27 -20.13
CA LYS C 20 30.88 3.81 -19.34
C LYS C 20 29.48 3.27 -19.67
N VAL C 21 29.39 2.24 -20.51
CA VAL C 21 28.11 1.61 -20.88
C VAL C 21 28.02 0.09 -20.62
N SER C 22 27.12 -0.28 -19.73
CA SER C 22 26.94 -1.68 -19.34
C SER C 22 26.21 -2.50 -20.40
N LEU C 23 26.29 -3.82 -20.25
CA LEU C 23 25.65 -4.72 -21.20
C LEU C 23 24.14 -4.56 -21.21
N ILE C 24 23.51 -4.48 -20.05
CA ILE C 24 22.08 -4.22 -20.00
C ILE C 24 21.70 -2.87 -20.59
N GLU C 25 22.55 -1.86 -20.38
CA GLU C 25 22.30 -0.52 -20.92
C GLU C 25 22.33 -0.55 -22.46
N TYR C 26 23.31 -1.26 -23.00
CA TYR C 26 23.42 -1.42 -24.44
C TYR C 26 22.18 -2.14 -24.97
N GLU C 27 21.76 -3.18 -24.24
CA GLU C 27 20.67 -4.05 -24.65
C GLU C 27 19.35 -3.31 -24.56
N ASN C 28 19.03 -2.81 -23.37
CA ASN C 28 17.77 -2.14 -23.13
C ASN C 28 17.62 -0.86 -23.96
N TYR C 29 18.72 -0.17 -24.18
CA TYR C 29 18.65 1.13 -24.85
C TYR C 29 19.27 1.12 -26.23
N PHE C 30 20.59 1.06 -26.29
CA PHE C 30 21.33 1.36 -27.51
C PHE C 30 20.99 0.46 -28.70
N SER C 31 20.79 -0.83 -28.46
CA SER C 31 20.46 -1.75 -29.53
C SER C 31 19.27 -1.29 -30.36
N GLN C 32 18.32 -0.59 -29.72
CA GLN C 32 17.07 -0.16 -30.33
C GLN C 32 17.20 1.10 -31.19
N LEU C 33 18.41 1.66 -31.18
CA LEU C 33 18.73 2.90 -31.88
C LEU C 33 18.99 2.58 -33.34
N LYS C 34 18.62 3.46 -34.27
CA LYS C 34 19.05 3.17 -35.62
C LYS C 34 19.34 4.36 -36.48
N TYR C 35 20.32 4.16 -37.36
CA TYR C 35 20.99 5.25 -38.04
C TYR C 35 20.18 5.84 -39.18
N ASN C 36 20.44 7.13 -39.43
CA ASN C 36 19.66 7.93 -40.34
C ASN C 36 20.57 8.69 -41.31
N PRO C 37 21.05 8.00 -42.38
CA PRO C 37 21.97 8.60 -43.38
C PRO C 37 21.30 9.68 -44.23
N ASN C 38 19.97 9.63 -44.35
CA ASN C 38 19.21 10.79 -44.80
C ASN C 38 19.11 11.64 -43.55
N ALA C 39 19.11 12.97 -43.70
CA ALA C 39 19.46 13.82 -42.57
C ALA C 39 20.86 13.32 -42.21
N SER C 40 21.47 13.78 -41.13
CA SER C 40 22.80 13.29 -40.76
C SER C 40 23.84 13.89 -41.73
N LYS C 41 24.62 14.87 -41.26
CA LYS C 41 25.40 15.73 -42.19
C LYS C 41 26.82 16.14 -41.76
N SER C 42 27.69 15.15 -41.54
CA SER C 42 29.12 15.40 -41.28
C SER C 42 29.44 16.28 -40.07
N ASP C 43 28.42 16.94 -39.55
CA ASP C 43 28.53 17.65 -38.28
C ASP C 43 27.45 17.18 -37.32
N ILE C 44 26.50 16.38 -37.83
CA ILE C 44 25.52 15.71 -36.98
C ILE C 44 25.32 14.26 -37.40
N ALA C 45 24.95 13.44 -36.43
CA ALA C 45 24.44 12.10 -36.69
C ALA C 45 22.98 12.00 -36.24
N PHE C 46 22.15 11.45 -37.11
CA PHE C 46 20.77 11.25 -36.75
C PHE C 46 20.48 9.77 -36.52
N PHE C 47 19.79 9.48 -35.42
CA PHE C 47 19.33 8.13 -35.13
C PHE C 47 17.84 8.14 -34.93
N TYR C 48 17.23 7.00 -35.16
CA TYR C 48 15.84 6.79 -34.83
C TYR C 48 15.73 5.92 -33.59
N ALA C 49 14.76 6.22 -32.75
CA ALA C 49 14.37 5.34 -31.67
C ALA C 49 12.90 5.02 -31.90
N PRO C 50 12.49 3.80 -31.54
CA PRO C 50 11.17 3.29 -31.86
C PRO C 50 10.10 4.21 -31.31
N ASN C 51 10.29 4.70 -30.10
CA ASN C 51 9.29 5.53 -29.47
C ASN C 51 9.86 6.74 -28.71
N GLN C 52 8.95 7.55 -28.18
CA GLN C 52 9.28 8.82 -27.55
C GLN C 52 10.09 8.67 -26.25
N VAL C 53 9.62 7.81 -25.34
CA VAL C 53 10.35 7.64 -24.08
C VAL C 53 11.81 7.25 -24.33
N LEU C 54 12.01 6.34 -25.29
CA LEU C 54 13.36 5.92 -25.65
C LEU C 54 14.15 7.08 -26.24
N CYS C 55 13.54 7.79 -27.19
CA CYS C 55 14.20 8.94 -27.77
C CYS C 55 14.61 9.94 -26.68
N THR C 56 13.77 10.10 -25.67
CA THR C 56 14.02 11.08 -24.62
C THR C 56 15.04 10.60 -23.59
N THR C 57 14.88 9.36 -23.13
CA THR C 57 15.73 8.81 -22.07
C THR C 57 17.14 8.64 -22.57
N ILE C 58 17.25 8.02 -23.73
CA ILE C 58 18.55 7.88 -24.36
C ILE C 58 19.18 9.27 -24.45
N THR C 59 18.48 10.21 -25.11
CA THR C 59 19.02 11.55 -25.29
C THR C 59 19.48 12.16 -23.96
N ALA C 60 18.67 12.00 -22.93
CA ALA C 60 18.97 12.56 -21.62
C ALA C 60 20.17 11.87 -20.98
N LYS C 61 20.24 10.55 -20.99
CA LYS C 61 21.32 9.91 -20.27
C LYS C 61 22.59 9.51 -21.06
N TYR C 62 22.56 9.59 -22.38
CA TYR C 62 23.67 9.08 -23.18
C TYR C 62 24.02 9.98 -24.36
N GLY C 63 23.25 11.04 -24.54
CA GLY C 63 23.51 11.96 -25.63
C GLY C 63 24.94 12.44 -25.63
N ALA C 64 25.46 12.75 -24.46
CA ALA C 64 26.83 13.24 -24.36
C ALA C 64 27.82 12.12 -24.64
N LEU C 65 27.52 10.93 -24.12
CA LEU C 65 28.31 9.74 -24.43
C LEU C 65 28.40 9.54 -25.91
N LEU C 66 27.30 9.77 -26.61
CA LEU C 66 27.25 9.56 -28.04
C LEU C 66 27.98 10.61 -28.81
N LYS C 67 27.71 11.86 -28.49
CA LYS C 67 28.49 12.94 -29.05
C LYS C 67 29.97 12.57 -28.89
N GLU C 68 30.38 12.37 -27.64
CA GLU C 68 31.74 11.99 -27.32
C GLU C 68 32.26 10.91 -28.25
N ILE C 69 31.93 9.67 -27.93
CA ILE C 69 32.22 8.50 -28.77
C ILE C 69 32.36 8.81 -30.28
N LEU C 70 31.39 9.54 -30.82
CA LEU C 70 31.38 9.90 -32.24
C LEU C 70 32.54 10.83 -32.63
N SER C 71 32.69 11.94 -31.91
CA SER C 71 33.74 12.91 -32.19
C SER C 71 35.11 12.25 -32.14
N GLN C 72 35.28 11.32 -31.21
CA GLN C 72 36.55 10.66 -30.97
C GLN C 72 36.85 9.54 -31.97
N ASN C 73 35.95 9.34 -32.94
CA ASN C 73 36.17 8.31 -33.95
C ASN C 73 35.88 8.75 -35.40
N LYS C 74 36.51 8.06 -36.35
CA LYS C 74 36.14 8.22 -37.75
C LYS C 74 34.80 7.55 -37.89
N GLY C 76 32.20 8.31 -41.02
CA GLY C 76 31.54 8.47 -42.29
C GLY C 76 30.47 9.52 -42.25
N MET C 77 30.75 10.65 -42.89
CA MET C 77 29.77 11.72 -42.99
C MET C 77 29.75 12.35 -41.62
N HIS C 78 30.93 12.39 -41.01
CA HIS C 78 31.14 12.96 -39.69
C HIS C 78 32.60 13.25 -39.59
N LEU C 79 33.07 14.01 -40.58
CA LEU C 79 34.43 14.49 -40.58
C LEU C 79 34.44 15.84 -39.88
N ALA C 80 33.80 15.86 -38.72
CA ALA C 80 33.76 17.01 -37.84
C ALA C 80 34.58 16.73 -36.58
N HIS C 81 35.13 17.79 -36.02
CA HIS C 81 35.91 17.66 -34.80
C HIS C 81 35.02 17.36 -33.60
N SER C 82 33.71 17.54 -33.76
CA SER C 82 32.80 17.64 -32.62
C SER C 82 31.36 17.21 -32.90
N VAL C 83 31.18 16.27 -33.84
CA VAL C 83 29.86 15.82 -34.29
C VAL C 83 28.74 15.77 -33.24
N ASP C 84 27.61 16.40 -33.58
CA ASP C 84 26.41 16.48 -32.74
C ASP C 84 25.55 15.23 -32.98
N VAL C 85 24.83 14.77 -31.96
CA VAL C 85 23.91 13.65 -32.16
C VAL C 85 22.47 14.10 -31.97
N ARG C 86 21.60 13.65 -32.86
CA ARG C 86 20.19 13.94 -32.74
C ARG C 86 19.43 12.64 -32.94
N ILE C 87 18.77 12.18 -31.88
CA ILE C 87 17.90 11.01 -32.02
C ILE C 87 16.40 11.36 -32.06
N GLU C 88 15.63 10.58 -32.82
CA GLU C 88 14.22 10.89 -33.06
C GLU C 88 13.34 9.65 -33.00
N VAL C 89 12.03 9.86 -33.07
CA VAL C 89 11.09 8.75 -33.23
C VAL C 89 10.85 8.46 -34.72
N ALA C 90 10.33 7.28 -35.03
CA ALA C 90 10.40 6.74 -36.40
C ALA C 90 9.45 7.28 -37.49
N PRO C 91 8.13 7.05 -37.36
CA PRO C 91 7.31 7.62 -38.43
C PRO C 91 6.47 8.79 -37.94
N ASN D 5 -24.35 -11.51 40.50
CA ASN D 5 -24.22 -12.70 39.68
C ASN D 5 -25.53 -13.03 38.99
N ASN D 6 -26.61 -12.65 39.65
CA ASN D 6 -27.94 -12.76 39.05
C ASN D 6 -28.29 -11.44 38.39
N ILE D 7 -28.03 -10.35 39.12
CA ILE D 7 -28.12 -9.02 38.57
C ILE D 7 -27.29 -8.90 37.31
N GLU D 8 -26.05 -9.41 37.38
CA GLU D 8 -25.16 -9.41 36.22
C GLU D 8 -25.98 -9.89 35.04
N LYS D 9 -26.16 -11.21 35.01
CA LYS D 9 -26.99 -11.85 34.02
C LYS D 9 -28.06 -10.93 33.48
N GLU D 10 -28.73 -10.18 34.35
CA GLU D 10 -29.96 -9.56 33.86
C GLU D 10 -29.86 -8.12 33.36
N ILE D 11 -28.95 -7.35 33.94
CA ILE D 11 -28.51 -6.10 33.31
C ILE D 11 -28.27 -6.34 31.80
N LEU D 12 -27.57 -7.42 31.47
CA LEU D 12 -27.27 -7.76 30.08
C LEU D 12 -28.50 -7.99 29.20
N ALA D 13 -29.56 -8.52 29.78
CA ALA D 13 -30.77 -8.77 29.02
C ALA D 13 -31.49 -7.47 28.67
N LEU D 14 -31.40 -6.48 29.56
CA LEU D 14 -32.03 -5.19 29.30
C LEU D 14 -31.31 -4.53 28.16
N VAL D 15 -30.05 -4.86 28.06
CA VAL D 15 -29.20 -4.26 27.07
C VAL D 15 -29.44 -4.95 25.75
N LYS D 16 -29.41 -6.28 25.80
CA LYS D 16 -29.66 -7.09 24.64
C LYS D 16 -30.99 -6.64 24.06
N GLN D 17 -31.98 -6.58 24.94
CA GLN D 17 -33.35 -6.24 24.56
C GLN D 17 -33.57 -4.77 24.13
N ASN D 18 -32.52 -3.96 24.15
CA ASN D 18 -32.63 -2.54 23.78
C ASN D 18 -32.47 -2.22 22.28
N PRO D 19 -33.39 -1.40 21.77
CA PRO D 19 -33.36 -0.83 20.41
C PRO D 19 -31.96 -0.44 19.97
N LYS D 20 -31.38 0.63 20.50
CA LYS D 20 -30.17 1.21 19.92
C LYS D 20 -28.91 0.35 20.06
N VAL D 21 -29.06 -0.92 20.42
CA VAL D 21 -27.92 -1.86 20.46
C VAL D 21 -28.10 -3.14 19.62
N SER D 22 -27.23 -3.30 18.63
CA SER D 22 -27.29 -4.42 17.71
C SER D 22 -26.74 -5.70 18.31
N LEU D 23 -27.01 -6.83 17.66
CA LEU D 23 -26.59 -8.12 18.18
C LEU D 23 -25.08 -8.22 18.22
N ILE D 24 -24.42 -7.82 17.15
CA ILE D 24 -22.96 -7.82 17.17
C ILE D 24 -22.40 -6.88 18.24
N GLU D 25 -23.06 -5.76 18.48
CA GLU D 25 -22.58 -4.80 19.50
C GLU D 25 -22.68 -5.44 20.88
N TYR D 26 -23.76 -6.16 21.12
CA TYR D 26 -23.97 -6.82 22.40
C TYR D 26 -22.89 -7.88 22.55
N GLU D 27 -22.64 -8.59 21.45
CA GLU D 27 -21.72 -9.74 21.45
C GLU D 27 -20.28 -9.28 21.63
N ASN D 28 -19.85 -8.42 20.72
CA ASN D 28 -18.48 -7.92 20.74
C ASN D 28 -18.14 -7.10 21.97
N TYR D 29 -19.12 -6.41 22.52
CA TYR D 29 -18.86 -5.50 23.62
C TYR D 29 -19.53 -5.96 24.90
N PHE D 30 -20.85 -5.80 24.96
CA PHE D 30 -21.57 -5.87 26.23
C PHE D 30 -21.43 -7.20 26.97
N SER D 31 -21.44 -8.30 26.24
CA SER D 31 -21.32 -9.62 26.85
C SER D 31 -20.08 -9.78 27.76
N GLN D 32 -19.02 -9.04 27.42
CA GLN D 32 -17.72 -9.11 28.11
C GLN D 32 -17.67 -8.28 29.39
N LEU D 33 -18.75 -7.54 29.63
CA LEU D 33 -18.91 -6.66 30.78
C LEU D 33 -19.30 -7.49 32.00
N LYS D 34 -18.82 -7.12 33.18
CA LYS D 34 -19.34 -7.85 34.33
C LYS D 34 -19.46 -7.05 35.59
N TYR D 35 -20.49 -7.41 36.36
CA TYR D 35 -20.98 -6.57 37.43
C TYR D 35 -20.14 -6.62 38.70
N ASN D 36 -20.18 -5.51 39.43
CA ASN D 36 -19.31 -5.26 40.58
C ASN D 36 -20.13 -4.81 41.80
N PRO D 37 -20.75 -5.76 42.52
CA PRO D 37 -21.58 -5.47 43.70
C PRO D 37 -20.78 -4.95 44.89
N ASN D 38 -19.50 -5.28 44.95
CA ASN D 38 -18.59 -4.54 45.80
C ASN D 38 -18.35 -3.28 44.97
N ALA D 39 -18.35 -2.12 45.60
CA ALA D 39 -18.26 -0.88 44.84
C ALA D 39 -19.61 -0.41 44.32
N SER D 40 -20.39 -1.30 43.72
CA SER D 40 -21.72 -0.89 43.28
C SER D 40 -22.55 -0.43 44.47
N LYS D 41 -23.73 0.09 44.18
CA LYS D 41 -24.68 0.58 45.18
C LYS D 41 -24.46 2.06 45.40
N SER D 42 -25.47 2.87 45.08
CA SER D 42 -26.68 2.43 44.38
C SER D 42 -27.10 3.62 43.54
N ASP D 43 -26.32 4.69 43.71
CA ASP D 43 -26.32 5.84 42.81
C ASP D 43 -25.29 5.61 41.68
N ILE D 44 -24.51 4.53 41.80
CA ILE D 44 -23.62 4.08 40.74
C ILE D 44 -23.70 2.58 40.55
N ALA D 45 -23.45 2.13 39.32
CA ALA D 45 -23.18 0.73 39.02
C ALA D 45 -21.74 0.58 38.52
N PHE D 46 -21.03 -0.41 39.05
CA PHE D 46 -19.69 -0.70 38.61
C PHE D 46 -19.65 -1.99 37.80
N PHE D 47 -18.99 -1.93 36.65
CA PHE D 47 -18.75 -3.11 35.84
C PHE D 47 -17.26 -3.26 35.58
N TYR D 48 -16.86 -4.50 35.35
CA TYR D 48 -15.51 -4.80 34.93
C TYR D 48 -15.51 -5.12 33.44
N ALA D 49 -14.49 -4.65 32.74
CA ALA D 49 -14.20 -5.11 31.39
C ALA D 49 -12.82 -5.74 31.42
N PRO D 50 -12.62 -6.78 30.61
CA PRO D 50 -11.40 -7.59 30.65
C PRO D 50 -10.16 -6.73 30.48
N ASN D 51 -10.23 -5.76 29.59
CA ASN D 51 -9.08 -4.94 29.31
C ASN D 51 -9.40 -3.45 29.13
N GLN D 52 -8.34 -2.67 28.91
CA GLN D 52 -8.44 -1.22 28.85
C GLN D 52 -9.19 -0.67 27.62
N VAL D 53 -8.87 -1.15 26.43
CA VAL D 53 -9.57 -0.69 25.23
C VAL D 53 -11.07 -0.94 25.35
N LEU D 54 -11.45 -2.10 25.88
CA LEU D 54 -12.88 -2.38 26.10
C LEU D 54 -13.47 -1.42 27.12
N CYS D 55 -12.79 -1.27 28.25
CA CYS D 55 -13.24 -0.35 29.26
C CYS D 55 -13.43 1.05 28.66
N THR D 56 -12.55 1.44 27.76
CA THR D 56 -12.59 2.77 27.18
C THR D 56 -13.62 2.92 26.07
N THR D 57 -13.66 1.95 25.15
CA THR D 57 -14.57 2.03 24.00
C THR D 57 -16.01 1.92 24.44
N ILE D 58 -16.27 0.91 25.27
CA ILE D 58 -17.58 0.78 25.83
C ILE D 58 -17.95 2.12 26.47
N THR D 59 -17.15 2.58 27.44
CA THR D 59 -17.46 3.81 28.16
C THR D 59 -17.75 4.99 27.21
N ALA D 60 -16.94 5.13 26.18
CA ALA D 60 -17.12 6.18 25.19
C ALA D 60 -18.40 6.01 24.35
N LYS D 61 -18.69 4.80 23.88
CA LYS D 61 -19.83 4.69 22.98
C LYS D 61 -21.16 4.24 23.58
N TYR D 62 -21.14 3.76 24.82
CA TYR D 62 -22.36 3.19 25.38
C TYR D 62 -22.61 3.61 26.82
N GLY D 63 -21.69 4.37 27.38
CA GLY D 63 -21.83 4.81 28.75
C GLY D 63 -23.15 5.49 28.99
N ALA D 64 -23.57 6.32 28.04
CA ALA D 64 -24.84 7.05 28.20
C ALA D 64 -26.01 6.10 28.05
N LEU D 65 -25.93 5.20 27.08
CA LEU D 65 -26.91 4.12 26.94
C LEU D 65 -27.06 3.35 28.23
N LEU D 66 -25.97 3.08 28.93
CA LEU D 66 -26.04 2.31 30.17
C LEU D 66 -26.61 3.13 31.31
N LYS D 67 -26.10 4.34 31.49
CA LYS D 67 -26.70 5.22 32.46
C LYS D 67 -28.22 5.21 32.21
N GLU D 68 -28.60 5.59 31.00
CA GLU D 68 -30.00 5.61 30.59
C GLU D 68 -30.73 4.36 31.04
N ILE D 69 -30.59 3.30 30.25
CA ILE D 69 -31.11 1.96 30.57
C ILE D 69 -31.23 1.66 32.08
N LEU D 70 -30.19 1.97 32.85
CA LEU D 70 -30.19 1.73 34.29
C LEU D 70 -31.18 2.60 35.05
N SER D 71 -31.11 3.92 34.83
CA SER D 71 -32.01 4.87 35.50
C SER D 71 -33.48 4.55 35.24
N GLN D 72 -33.76 4.09 34.03
CA GLN D 72 -35.12 3.83 33.58
C GLN D 72 -35.65 2.47 34.07
N ASN D 73 -34.84 1.74 34.85
CA ASN D 73 -35.26 0.43 35.38
C ASN D 73 -34.95 0.21 36.87
N LYS D 74 -35.72 -0.67 37.50
CA LYS D 74 -35.39 -1.17 38.82
C LYS D 74 -34.21 -2.10 38.61
N VAL D 75 -33.49 -2.44 39.68
CA VAL D 75 -32.36 -3.39 39.56
C VAL D 75 -31.94 -4.01 40.91
N GLY D 76 -31.59 -3.13 41.84
CA GLY D 76 -30.88 -3.49 43.04
C GLY D 76 -29.71 -2.53 42.93
N MET D 77 -30.07 -1.29 42.62
CA MET D 77 -29.18 -0.21 42.18
C MET D 77 -30.02 1.01 42.41
N HIS D 78 -30.36 1.20 43.68
CA HIS D 78 -31.66 1.76 44.00
C HIS D 78 -31.80 3.26 44.00
N LEU D 79 -32.99 3.70 44.41
CA LEU D 79 -33.43 5.07 44.23
C LEU D 79 -32.71 5.57 42.98
N ALA D 80 -31.58 6.23 43.17
CA ALA D 80 -30.80 6.72 42.05
C ALA D 80 -31.72 6.88 40.87
N HIS D 81 -32.54 7.92 40.90
CA HIS D 81 -33.41 8.20 39.80
C HIS D 81 -32.56 8.56 38.58
N SER D 82 -31.25 8.39 38.73
CA SER D 82 -30.28 8.80 37.70
C SER D 82 -28.95 8.04 37.75
N VAL D 83 -28.97 6.81 38.25
CA VAL D 83 -27.76 5.99 38.45
C VAL D 83 -26.61 6.16 37.44
N ASP D 84 -25.41 6.38 37.97
CA ASP D 84 -24.20 6.59 37.18
C ASP D 84 -23.57 5.23 36.87
N VAL D 85 -22.89 5.10 35.74
CA VAL D 85 -22.19 3.86 35.44
C VAL D 85 -20.69 4.10 35.39
N ARG D 86 -19.93 3.18 35.99
CA ARG D 86 -18.49 3.24 35.96
C ARG D 86 -17.98 1.86 35.63
N ILE D 87 -17.36 1.72 34.46
CA ILE D 87 -16.73 0.46 34.10
C ILE D 87 -15.20 0.53 34.21
N GLU D 88 -14.59 -0.60 34.58
CA GLU D 88 -13.15 -0.63 34.87
C GLU D 88 -12.51 -1.88 34.29
N VAL D 89 -11.18 -1.97 34.40
CA VAL D 89 -10.46 -3.20 34.06
C VAL D 89 -10.33 -4.08 35.31
N ALA D 90 -10.03 -5.37 35.12
CA ALA D 90 -10.24 -6.38 36.17
C ALA D 90 -9.25 -6.48 37.35
N PRO D 91 -7.98 -6.87 37.11
CA PRO D 91 -7.11 -6.92 38.29
C PRO D 91 -6.07 -5.82 38.29
#